data_6MMQ
#
_entry.id   6MMQ
#
_cell.length_a   46.649
_cell.length_b   50.211
_cell.length_c   66.561
_cell.angle_alpha   97.60
_cell.angle_beta   102.85
_cell.angle_gamma   102.49
#
_symmetry.space_group_name_H-M   'P 1'
#
loop_
_entity.id
_entity.type
_entity.pdbx_description
1 polymer 'Carbon regulatory PII-like protein SbtB'
2 non-polymer "ADENOSINE-3',5'-CYCLIC-MONOPHOSPHATE"
3 water water
#
_entity_poly.entity_id   1
_entity_poly.type   'polypeptide(L)'
_entity_poly.pdbx_seq_one_letter_code
;SSQQVWKLVIITEEILLKKVSKIIKEAGASGYTVLAAAGEGSRNVRSTGEPSVSHAYSNIKFEVLTASRELADQIQDKVV
AKYFDDYSCITYISTVEALRAHKF
;
_entity_poly.pdbx_strand_id   A,B,D,C,E,F
#
loop_
_chem_comp.id
_chem_comp.type
_chem_comp.name
_chem_comp.formula
CMP non-polymer ADENOSINE-3',5'-CYCLIC-MONOPHOSPHATE 'C10 H12 N5 O6 P'
#
# COMPACT_ATOMS: atom_id res chain seq x y z
N GLN A 3 26.41 -17.77 -8.74
CA GLN A 3 25.10 -17.44 -8.17
C GLN A 3 25.23 -16.82 -6.78
N GLN A 4 26.45 -16.52 -6.35
CA GLN A 4 26.70 -15.84 -5.09
C GLN A 4 26.70 -14.33 -5.33
N VAL A 5 25.73 -13.64 -4.75
CA VAL A 5 25.60 -12.20 -4.91
C VAL A 5 25.65 -11.54 -3.54
N TRP A 6 25.71 -10.22 -3.55
CA TRP A 6 25.83 -9.43 -2.33
C TRP A 6 24.53 -8.68 -2.12
N LYS A 7 24.11 -8.57 -0.85
CA LYS A 7 22.89 -7.87 -0.46
C LYS A 7 23.31 -6.65 0.34
N LEU A 8 23.05 -5.47 -0.22
CA LEU A 8 23.33 -4.22 0.47
C LEU A 8 22.06 -3.80 1.19
N VAL A 9 22.20 -3.35 2.42
CA VAL A 9 21.06 -2.86 3.18
C VAL A 9 21.32 -1.40 3.47
N ILE A 10 20.33 -0.56 3.26
CA ILE A 10 20.38 0.81 3.73
C ILE A 10 19.06 1.10 4.45
N ILE A 11 19.17 1.56 5.69
CA ILE A 11 18.01 1.94 6.49
C ILE A 11 18.14 3.43 6.77
N THR A 12 17.17 4.21 6.32
CA THR A 12 17.30 5.65 6.42
C THR A 12 15.91 6.26 6.55
N GLU A 13 15.87 7.57 6.79
CA GLU A 13 14.58 8.27 6.90
C GLU A 13 13.76 8.16 5.62
N GLU A 14 12.43 8.08 5.78
CA GLU A 14 11.53 7.94 4.63
C GLU A 14 11.63 9.10 3.65
N ILE A 15 12.12 10.27 4.09
CA ILE A 15 12.22 11.45 3.22
C ILE A 15 13.16 11.18 2.05
N LEU A 16 14.14 10.28 2.24
CA LEU A 16 15.17 10.02 1.26
C LEU A 16 14.79 8.98 0.21
N LEU A 17 13.52 8.57 0.17
CA LEU A 17 13.11 7.48 -0.73
C LEU A 17 13.53 7.70 -2.19
N LYS A 18 13.26 8.89 -2.73
CA LYS A 18 13.55 9.14 -4.14
C LYS A 18 15.04 9.34 -4.39
N LYS A 19 15.70 10.10 -3.52
CA LYS A 19 17.11 10.39 -3.69
C LYS A 19 17.97 9.13 -3.61
N VAL A 20 17.70 8.25 -2.63
CA VAL A 20 18.51 7.04 -2.51
C VAL A 20 18.22 6.09 -3.66
N SER A 21 16.94 5.93 -4.01
CA SER A 21 16.59 5.05 -5.14
C SER A 21 17.18 5.56 -6.45
N LYS A 22 17.41 6.88 -6.56
CA LYS A 22 18.12 7.41 -7.72
C LYS A 22 19.57 6.91 -7.75
N ILE A 23 20.27 7.04 -6.62
CA ILE A 23 21.65 6.59 -6.54
C ILE A 23 21.77 5.11 -6.93
N ILE A 24 20.84 4.31 -6.43
CA ILE A 24 20.81 2.89 -6.80
C ILE A 24 20.62 2.73 -8.31
N LYS A 25 19.58 3.35 -8.86
CA LYS A 25 19.22 3.09 -10.25
C LYS A 25 20.33 3.55 -11.19
N GLU A 26 20.89 4.72 -10.94
CA GLU A 26 21.90 5.25 -11.86
C GLU A 26 23.20 4.46 -11.76
N ALA A 27 23.60 4.07 -10.54
CA ALA A 27 24.87 3.38 -10.35
C ALA A 27 24.92 2.06 -11.13
N GLY A 28 23.78 1.56 -11.58
CA GLY A 28 23.76 0.37 -12.39
C GLY A 28 23.15 -0.85 -11.75
N ALA A 29 22.46 -0.71 -10.62
CA ALA A 29 21.86 -1.87 -9.98
C ALA A 29 20.64 -2.30 -10.78
N SER A 30 20.45 -3.61 -10.89
CA SER A 30 19.33 -4.13 -11.66
C SER A 30 17.98 -3.91 -10.97
N GLY A 31 17.97 -3.35 -9.76
CA GLY A 31 16.73 -3.13 -9.03
C GLY A 31 16.98 -3.00 -7.54
N TYR A 32 15.89 -2.79 -6.81
CA TYR A 32 15.97 -2.67 -5.36
C TYR A 32 14.62 -3.02 -4.75
N THR A 33 14.64 -3.30 -3.45
CA THR A 33 13.44 -3.55 -2.66
C THR A 33 13.44 -2.59 -1.48
N VAL A 34 12.25 -2.21 -1.04
CA VAL A 34 12.14 -1.22 0.01
C VAL A 34 10.94 -1.60 0.87
N LEU A 35 11.12 -1.51 2.19
CA LEU A 35 10.10 -1.91 3.15
C LEU A 35 9.98 -0.83 4.22
N ALA A 36 8.77 -0.67 4.76
CA ALA A 36 8.58 0.34 5.79
C ALA A 36 9.18 -0.19 7.09
N ALA A 37 9.86 0.66 7.85
CA ALA A 37 10.56 0.23 9.05
C ALA A 37 10.45 1.29 10.14
N ALA A 38 10.53 0.85 11.39
CA ALA A 38 10.63 1.77 12.50
C ALA A 38 11.84 1.38 13.34
N GLY A 39 12.15 2.18 14.34
CA GLY A 39 13.19 1.81 15.28
C GLY A 39 13.81 3.02 15.95
N GLU A 40 14.90 2.75 16.67
CA GLU A 40 15.65 3.75 17.42
C GLU A 40 17.13 3.54 17.18
N GLY A 41 17.90 4.60 17.40
CA GLY A 41 19.35 4.52 17.28
C GLY A 41 20.09 5.65 18.00
N ALA A 56 6.65 3.95 15.33
CA ALA A 56 6.16 4.68 14.16
C ALA A 56 7.00 4.41 12.91
N TYR A 57 6.36 3.85 11.87
CA TYR A 57 7.07 3.40 10.68
C TYR A 57 7.44 4.59 9.79
N SER A 58 8.43 5.35 10.26
CA SER A 58 8.90 6.57 9.63
C SER A 58 10.15 6.39 8.79
N ASN A 59 10.71 5.18 8.73
CA ASN A 59 11.95 4.90 8.01
C ASN A 59 11.63 3.90 6.92
N ILE A 60 12.61 3.69 6.06
CA ILE A 60 12.54 2.67 5.02
C ILE A 60 13.82 1.88 5.07
N LYS A 61 13.72 0.62 4.71
CA LYS A 61 14.88 -0.25 4.63
C LYS A 61 15.08 -0.57 3.16
N PHE A 62 16.24 -0.23 2.62
CA PHE A 62 16.62 -0.58 1.26
C PHE A 62 17.34 -1.91 1.25
N GLU A 63 16.99 -2.77 0.27
CA GLU A 63 17.72 -4.01 0.02
C GLU A 63 18.11 -4.03 -1.46
N VAL A 64 19.40 -3.97 -1.75
CA VAL A 64 19.89 -3.96 -3.11
C VAL A 64 20.79 -5.19 -3.28
N LEU A 65 20.37 -6.10 -4.14
CA LEU A 65 21.18 -7.24 -4.54
C LEU A 65 22.01 -6.86 -5.76
N THR A 66 23.29 -7.19 -5.73
CA THR A 66 24.22 -6.83 -6.81
C THR A 66 25.15 -8.01 -7.08
N ALA A 67 25.49 -8.20 -8.35
CA ALA A 67 26.33 -9.33 -8.73
C ALA A 67 27.75 -9.16 -8.25
N SER A 68 28.20 -7.94 -8.02
CA SER A 68 29.56 -7.74 -7.58
C SER A 68 29.56 -6.96 -6.27
N ARG A 69 30.49 -7.34 -5.38
CA ARG A 69 30.74 -6.59 -4.15
C ARG A 69 31.11 -5.16 -4.46
N GLU A 70 31.90 -4.94 -5.52
CA GLU A 70 32.36 -3.59 -5.81
C GLU A 70 31.19 -2.66 -6.13
N LEU A 71 30.21 -3.14 -6.91
CA LEU A 71 29.01 -2.33 -7.12
C LEU A 71 28.31 -1.99 -5.78
N ALA A 72 28.05 -3.01 -4.96
CA ALA A 72 27.41 -2.75 -3.66
C ALA A 72 28.19 -1.69 -2.88
N ASP A 73 29.51 -1.83 -2.84
CA ASP A 73 30.39 -0.87 -2.20
C ASP A 73 30.29 0.52 -2.83
N GLN A 74 30.08 0.61 -4.14
CA GLN A 74 30.03 1.92 -4.75
C GLN A 74 28.74 2.63 -4.44
N ILE A 75 27.63 1.89 -4.41
CA ILE A 75 26.36 2.50 -4.04
C ILE A 75 26.40 2.97 -2.60
N GLN A 76 26.93 2.13 -1.71
CA GLN A 76 26.98 2.47 -0.28
C GLN A 76 27.90 3.66 -0.03
N ASP A 77 29.05 3.69 -0.69
CA ASP A 77 29.98 4.80 -0.50
C ASP A 77 29.38 6.12 -0.96
N LYS A 78 28.57 6.11 -2.01
CA LYS A 78 27.92 7.36 -2.42
C LYS A 78 26.82 7.75 -1.45
N VAL A 79 25.95 6.81 -1.09
CA VAL A 79 24.86 7.11 -0.16
C VAL A 79 25.42 7.63 1.16
N VAL A 80 26.48 6.98 1.66
CA VAL A 80 27.08 7.39 2.91
C VAL A 80 27.68 8.80 2.78
N ALA A 81 28.49 9.02 1.74
CA ALA A 81 29.13 10.32 1.57
C ALA A 81 28.10 11.45 1.49
N LYS A 82 27.00 11.23 0.76
CA LYS A 82 26.02 12.29 0.57
C LYS A 82 25.09 12.46 1.77
N TYR A 83 24.81 11.42 2.56
CA TYR A 83 23.69 11.51 3.49
C TYR A 83 23.92 11.04 4.92
N PHE A 84 25.03 10.38 5.24
N PHE A 84 25.03 10.36 5.25
CA PHE A 84 25.20 9.77 6.57
CA PHE A 84 25.17 9.79 6.59
C PHE A 84 25.30 10.83 7.68
C PHE A 84 25.23 10.86 7.67
N ASP A 85 25.89 11.99 7.40
CA ASP A 85 26.06 13.00 8.43
C ASP A 85 24.77 13.78 8.71
N ASP A 86 24.00 14.09 7.69
CA ASP A 86 22.86 14.99 7.88
C ASP A 86 21.55 14.25 8.08
N TYR A 87 21.54 12.93 7.91
CA TYR A 87 20.35 12.13 8.14
C TYR A 87 20.77 10.86 8.87
N SER A 88 19.87 10.31 9.66
CA SER A 88 20.19 9.12 10.44
C SER A 88 20.05 7.89 9.55
N CYS A 89 21.14 7.14 9.43
CA CYS A 89 21.17 6.03 8.50
C CYS A 89 22.11 4.97 9.05
N ILE A 90 21.82 3.71 8.74
CA ILE A 90 22.79 2.65 8.90
C ILE A 90 22.83 1.85 7.60
N THR A 91 23.92 1.13 7.40
CA THR A 91 24.00 0.30 6.20
C THR A 91 24.90 -0.87 6.52
N TYR A 92 24.63 -2.02 5.91
CA TYR A 92 25.54 -3.14 6.03
C TYR A 92 25.41 -4.00 4.78
N ILE A 93 26.29 -5.00 4.67
CA ILE A 93 26.35 -5.83 3.49
C ILE A 93 26.49 -7.29 3.90
N SER A 94 25.78 -8.17 3.22
CA SER A 94 25.92 -9.61 3.42
C SER A 94 25.87 -10.29 2.05
N THR A 95 26.12 -11.59 2.04
CA THR A 95 26.14 -12.40 0.82
C THR A 95 24.99 -13.41 0.84
N VAL A 96 24.36 -13.62 -0.33
CA VAL A 96 23.31 -14.62 -0.46
C VAL A 96 23.55 -15.41 -1.74
N GLU A 97 22.82 -16.52 -1.89
CA GLU A 97 22.93 -17.37 -3.07
C GLU A 97 21.66 -17.24 -3.91
N ALA A 98 21.85 -16.86 -5.17
CA ALA A 98 20.75 -16.77 -6.13
C ALA A 98 20.85 -17.85 -7.19
N SER B 1 38.87 -2.83 5.66
CA SER B 1 37.94 -1.72 5.56
C SER B 1 36.52 -2.09 6.02
N SER B 2 36.25 -3.37 6.25
CA SER B 2 34.98 -3.85 6.78
C SER B 2 35.19 -4.48 8.16
N GLN B 3 34.13 -4.53 8.96
CA GLN B 3 34.14 -5.20 10.26
C GLN B 3 32.92 -6.11 10.39
N GLN B 4 33.07 -7.20 11.15
CA GLN B 4 31.98 -8.15 11.31
C GLN B 4 31.01 -7.64 12.37
N VAL B 5 29.72 -7.59 12.05
CA VAL B 5 28.74 -7.34 13.09
C VAL B 5 27.70 -8.44 13.03
N TRP B 6 27.04 -8.68 14.15
CA TRP B 6 26.05 -9.74 14.24
C TRP B 6 24.69 -9.10 14.15
N LYS B 7 23.77 -9.83 13.54
CA LYS B 7 22.40 -9.39 13.35
C LYS B 7 21.46 -10.43 13.98
N LEU B 8 20.76 -9.98 15.01
CA LEU B 8 19.81 -10.81 15.75
C LEU B 8 18.40 -10.46 15.28
N VAL B 9 17.64 -11.49 14.89
CA VAL B 9 16.26 -11.32 14.47
C VAL B 9 15.34 -11.98 15.51
N ILE B 10 14.27 -11.28 15.88
CA ILE B 10 13.22 -11.86 16.71
C ILE B 10 11.87 -11.52 16.11
N ILE B 11 11.05 -12.54 15.85
CA ILE B 11 9.72 -12.36 15.28
C ILE B 11 8.72 -12.75 16.37
N THR B 12 7.90 -11.78 16.79
N THR B 12 7.87 -11.81 16.76
CA THR B 12 6.96 -11.94 17.90
CA THR B 12 6.88 -12.10 17.78
C THR B 12 5.62 -11.28 17.54
C THR B 12 5.64 -11.25 17.57
N GLU B 13 4.62 -11.50 18.40
CA GLU B 13 3.37 -10.78 18.28
C GLU B 13 3.58 -9.32 18.61
N GLU B 14 2.82 -8.46 17.92
CA GLU B 14 2.97 -7.00 18.07
C GLU B 14 2.83 -6.55 19.52
N ILE B 15 2.00 -7.24 20.32
CA ILE B 15 1.76 -6.81 21.69
C ILE B 15 3.06 -6.78 22.51
N LEU B 16 4.07 -7.51 22.08
CA LEU B 16 5.35 -7.53 22.79
C LEU B 16 6.30 -6.40 22.38
N LEU B 17 5.85 -5.42 21.58
CA LEU B 17 6.73 -4.36 21.10
C LEU B 17 7.44 -3.63 22.25
N LYS B 18 6.68 -3.17 23.24
CA LYS B 18 7.28 -2.34 24.30
C LYS B 18 8.25 -3.15 25.16
N LYS B 19 7.84 -4.36 25.57
CA LYS B 19 8.71 -5.18 26.43
C LYS B 19 10.00 -5.56 25.70
N VAL B 20 9.89 -6.03 24.45
CA VAL B 20 11.11 -6.49 23.77
C VAL B 20 12.02 -5.32 23.46
N SER B 21 11.47 -4.20 22.98
CA SER B 21 12.25 -2.98 22.80
C SER B 21 13.06 -2.65 24.04
N LYS B 22 12.39 -2.65 25.21
CA LYS B 22 13.07 -2.31 26.46
C LYS B 22 14.19 -3.28 26.77
N ILE B 23 13.99 -4.58 26.49
CA ILE B 23 15.07 -5.52 26.77
C ILE B 23 16.24 -5.28 25.82
N ILE B 24 15.98 -4.85 24.59
CA ILE B 24 17.07 -4.57 23.65
C ILE B 24 17.89 -3.38 24.17
N LYS B 25 17.22 -2.29 24.54
CA LYS B 25 17.93 -1.11 24.97
C LYS B 25 18.67 -1.33 26.28
N GLU B 26 18.03 -2.06 27.22
CA GLU B 26 18.65 -2.25 28.53
C GLU B 26 19.93 -3.06 28.43
N ALA B 27 20.05 -3.93 27.43
CA ALA B 27 21.29 -4.68 27.29
C ALA B 27 22.42 -3.86 26.66
N GLY B 28 22.15 -2.64 26.21
CA GLY B 28 23.18 -1.80 25.64
C GLY B 28 23.30 -1.82 24.13
N ALA B 29 22.26 -2.22 23.41
CA ALA B 29 22.31 -2.19 21.95
C ALA B 29 22.26 -0.76 21.45
N SER B 30 23.02 -0.46 20.39
CA SER B 30 22.98 0.89 19.82
C SER B 30 21.62 1.21 19.21
N GLY B 31 20.89 0.19 18.77
CA GLY B 31 19.55 0.41 18.27
C GLY B 31 18.93 -0.88 17.81
N TYR B 32 17.83 -0.75 17.07
CA TYR B 32 17.09 -1.89 16.55
C TYR B 32 16.16 -1.36 15.48
N THR B 33 15.78 -2.24 14.57
CA THR B 33 14.82 -1.93 13.53
C THR B 33 13.64 -2.86 13.72
N VAL B 34 12.44 -2.34 13.50
CA VAL B 34 11.21 -3.16 13.55
C VAL B 34 10.48 -3.04 12.22
N LEU B 35 10.06 -4.19 11.69
CA LEU B 35 9.16 -4.23 10.55
C LEU B 35 7.88 -4.94 10.93
N ALA B 36 6.78 -4.57 10.29
CA ALA B 36 5.52 -5.26 10.50
C ALA B 36 5.51 -6.53 9.67
N ALA B 37 4.89 -7.56 10.20
CA ALA B 37 5.05 -8.86 9.57
C ALA B 37 3.80 -9.69 9.81
N ALA B 38 3.59 -10.66 8.93
CA ALA B 38 2.54 -11.65 9.10
C ALA B 38 3.20 -12.99 8.86
N GLY B 39 2.54 -14.06 9.29
CA GLY B 39 3.12 -15.37 9.11
C GLY B 39 2.26 -16.46 9.70
N GLU B 40 2.82 -17.66 9.72
CA GLU B 40 2.18 -18.88 10.20
C GLU B 40 3.25 -19.79 10.78
N GLY B 41 2.89 -20.55 11.81
CA GLY B 41 3.87 -21.40 12.45
C GLY B 41 3.35 -22.77 12.81
N ALA B 56 -3.69 -7.94 8.90
CA ALA B 56 -3.00 -9.22 8.77
C ALA B 56 -1.59 -9.14 9.35
N TYR B 57 -1.02 -7.93 9.35
CA TYR B 57 0.36 -7.72 9.79
C TYR B 57 0.38 -7.45 11.29
N SER B 58 0.11 -8.51 12.05
CA SER B 58 -0.03 -8.41 13.49
C SER B 58 1.18 -8.96 14.24
N ASN B 59 2.26 -9.28 13.52
CA ASN B 59 3.53 -9.64 14.10
C ASN B 59 4.54 -8.54 13.84
N ILE B 60 5.68 -8.65 14.50
CA ILE B 60 6.76 -7.71 14.33
C ILE B 60 8.05 -8.48 14.24
N LYS B 61 8.93 -7.98 13.40
CA LYS B 61 10.26 -8.53 13.22
C LYS B 61 11.22 -7.48 13.71
N PHE B 62 12.00 -7.83 14.75
CA PHE B 62 13.10 -7.01 15.22
C PHE B 62 14.37 -7.42 14.50
N GLU B 63 15.21 -6.45 14.16
CA GLU B 63 16.57 -6.68 13.71
C GLU B 63 17.49 -5.86 14.59
N VAL B 64 18.43 -6.53 15.24
CA VAL B 64 19.31 -5.88 16.19
C VAL B 64 20.73 -6.16 15.72
N LEU B 65 21.46 -5.12 15.35
CA LEU B 65 22.85 -5.27 14.95
C LEU B 65 23.76 -4.98 16.12
N THR B 66 24.77 -5.82 16.30
CA THR B 66 25.75 -5.52 17.33
C THR B 66 27.12 -6.07 16.94
N ALA B 67 28.17 -5.41 17.43
CA ALA B 67 29.52 -5.84 17.12
C ALA B 67 30.05 -6.91 18.06
N SER B 68 29.32 -7.29 19.10
CA SER B 68 29.75 -8.40 19.93
C SER B 68 28.67 -9.47 19.94
N ARG B 69 29.07 -10.69 19.60
CA ARG B 69 28.19 -11.85 19.67
C ARG B 69 27.67 -12.07 21.09
N GLU B 70 28.42 -11.64 22.10
CA GLU B 70 27.99 -11.75 23.49
C GLU B 70 26.76 -10.89 23.75
N LEU B 71 26.77 -9.63 23.30
CA LEU B 71 25.61 -8.76 23.39
C LEU B 71 24.38 -9.40 22.75
N ALA B 72 24.55 -9.93 21.53
CA ALA B 72 23.44 -10.60 20.86
C ALA B 72 22.96 -11.80 21.67
N ASP B 73 23.89 -12.55 22.26
CA ASP B 73 23.51 -13.74 23.02
C ASP B 73 22.70 -13.36 24.26
N GLN B 74 23.10 -12.30 24.96
CA GLN B 74 22.37 -11.85 26.14
C GLN B 74 20.94 -11.45 25.79
N ILE B 75 20.77 -10.61 24.76
CA ILE B 75 19.43 -10.21 24.33
C ILE B 75 18.61 -11.44 23.97
N GLN B 76 19.16 -12.32 23.13
CA GLN B 76 18.38 -13.49 22.72
C GLN B 76 17.98 -14.36 23.93
N ASP B 77 18.91 -14.60 24.85
CA ASP B 77 18.64 -15.52 25.96
C ASP B 77 17.53 -14.97 26.85
N LYS B 78 17.56 -13.66 27.12
CA LYS B 78 16.53 -13.05 27.94
C LYS B 78 15.17 -13.08 27.26
N VAL B 79 15.08 -12.78 25.94
CA VAL B 79 13.76 -12.77 25.33
C VAL B 79 13.21 -14.19 25.24
N VAL B 80 14.07 -15.16 24.92
CA VAL B 80 13.60 -16.54 24.84
C VAL B 80 13.09 -17.00 26.21
N ALA B 81 13.90 -16.76 27.25
CA ALA B 81 13.52 -17.14 28.61
C ALA B 81 12.19 -16.52 29.01
N LYS B 82 12.02 -15.23 28.70
CA LYS B 82 10.82 -14.55 29.17
C LYS B 82 9.58 -14.91 28.36
N TYR B 83 9.67 -15.02 27.03
CA TYR B 83 8.43 -15.03 26.26
C TYR B 83 8.24 -16.24 25.36
N PHE B 84 9.27 -17.05 25.11
CA PHE B 84 9.07 -18.07 24.10
C PHE B 84 8.18 -19.21 24.60
N ASP B 85 7.98 -19.32 25.91
CA ASP B 85 6.97 -20.27 26.40
C ASP B 85 5.57 -19.77 26.08
N ASP B 86 5.24 -18.54 26.48
CA ASP B 86 3.86 -18.09 26.44
C ASP B 86 3.45 -17.43 25.12
N TYR B 87 4.38 -17.02 24.28
CA TYR B 87 4.04 -16.43 22.98
C TYR B 87 4.69 -17.24 21.87
N SER B 88 4.13 -17.15 20.67
CA SER B 88 4.68 -17.87 19.53
C SER B 88 5.71 -16.95 18.89
N CYS B 89 6.98 -17.29 19.05
CA CYS B 89 8.07 -16.48 18.54
C CYS B 89 9.13 -17.35 17.91
N ILE B 90 9.99 -16.74 17.10
CA ILE B 90 11.19 -17.38 16.58
C ILE B 90 12.32 -16.37 16.64
N THR B 91 13.54 -16.89 16.67
CA THR B 91 14.71 -16.04 16.67
C THR B 91 15.84 -16.72 15.88
N TYR B 92 16.68 -15.90 15.27
CA TYR B 92 17.90 -16.42 14.64
C TYR B 92 18.93 -15.32 14.61
N ILE B 93 20.16 -15.71 14.23
CA ILE B 93 21.30 -14.81 14.18
C ILE B 93 22.07 -15.10 12.91
N SER B 94 22.63 -14.06 12.30
CA SER B 94 23.57 -14.21 11.18
C SER B 94 24.64 -13.12 11.31
N THR B 95 25.62 -13.12 10.40
CA THR B 95 26.64 -12.09 10.38
C THR B 95 26.51 -11.23 9.14
N VAL B 96 26.88 -9.97 9.29
CA VAL B 96 26.92 -9.01 8.20
C VAL B 96 28.24 -8.26 8.31
N GLU B 97 28.56 -7.48 7.28
CA GLU B 97 29.76 -6.66 7.26
C GLU B 97 29.35 -5.20 7.25
N ALA B 98 30.01 -4.40 8.08
CA ALA B 98 29.79 -2.96 8.12
C ALA B 98 31.13 -2.25 7.93
N LEU B 99 31.06 -0.97 7.60
CA LEU B 99 32.26 -0.15 7.49
C LEU B 99 32.86 0.06 8.89
N ARG B 100 34.20 0.00 8.97
CA ARG B 100 34.88 0.27 10.23
C ARG B 100 34.49 1.62 10.79
N ALA B 101 34.22 2.60 9.92
CA ALA B 101 33.92 3.96 10.35
C ALA B 101 32.63 4.03 11.16
N HIS B 102 31.74 3.05 10.99
CA HIS B 102 30.47 3.04 11.71
C HIS B 102 30.59 2.24 13.01
N LYS B 103 29.80 2.67 14.00
CA LYS B 103 29.79 2.10 15.35
C LYS B 103 28.46 1.38 15.57
N PHE B 104 28.54 0.10 15.91
CA PHE B 104 27.35 -0.70 16.10
C PHE B 104 27.25 -1.25 17.54
N SER C 2 23.76 -22.66 17.77
CA SER C 2 23.78 -24.06 17.32
C SER C 2 22.65 -24.33 16.33
N GLN C 3 22.92 -25.22 15.37
CA GLN C 3 22.04 -25.62 14.27
C GLN C 3 22.00 -24.56 13.17
N GLN C 4 22.45 -24.92 11.98
CA GLN C 4 22.54 -24.02 10.83
C GLN C 4 21.36 -24.27 9.92
N VAL C 5 20.49 -23.27 9.77
CA VAL C 5 19.30 -23.43 8.95
C VAL C 5 19.38 -22.49 7.77
N TRP C 6 18.54 -22.75 6.79
CA TRP C 6 18.55 -22.01 5.53
C TRP C 6 17.37 -21.05 5.51
N LYS C 7 17.60 -19.88 4.96
CA LYS C 7 16.60 -18.84 4.82
C LYS C 7 16.30 -18.68 3.35
N LEU C 8 15.13 -19.16 2.93
CA LEU C 8 14.64 -18.93 1.58
C LEU C 8 13.82 -17.64 1.56
N VAL C 9 14.21 -16.70 0.71
CA VAL C 9 13.48 -15.47 0.49
C VAL C 9 12.86 -15.53 -0.89
N ILE C 10 11.57 -15.16 -0.99
CA ILE C 10 10.87 -15.02 -2.26
C ILE C 10 10.20 -13.67 -2.25
N ILE C 11 10.32 -12.93 -3.34
CA ILE C 11 9.67 -11.65 -3.48
C ILE C 11 8.77 -11.73 -4.71
N THR C 12 7.45 -11.73 -4.50
CA THR C 12 6.49 -11.75 -5.59
C THR C 12 5.43 -10.70 -5.32
N GLU C 13 4.49 -10.59 -6.24
CA GLU C 13 3.46 -9.57 -6.08
C GLU C 13 2.34 -10.11 -5.18
N GLU C 14 1.52 -9.19 -4.66
CA GLU C 14 0.60 -9.50 -3.57
C GLU C 14 -0.39 -10.60 -3.91
N ILE C 15 -0.83 -10.71 -5.17
CA ILE C 15 -1.93 -11.64 -5.51
C ILE C 15 -1.52 -13.11 -5.42
N LEU C 16 -0.23 -13.41 -5.38
CA LEU C 16 0.21 -14.79 -5.25
C LEU C 16 0.30 -15.25 -3.80
N LEU C 17 -0.09 -14.38 -2.85
CA LEU C 17 0.11 -14.63 -1.42
C LEU C 17 -0.37 -16.02 -1.01
N LYS C 18 -1.64 -16.34 -1.31
CA LYS C 18 -2.22 -17.62 -0.86
C LYS C 18 -1.69 -18.81 -1.66
N LYS C 19 -1.37 -18.61 -2.93
CA LYS C 19 -0.86 -19.74 -3.72
C LYS C 19 0.56 -20.10 -3.29
N VAL C 20 1.40 -19.10 -3.06
CA VAL C 20 2.78 -19.38 -2.64
C VAL C 20 2.80 -19.93 -1.22
N SER C 21 2.04 -19.32 -0.32
CA SER C 21 1.98 -19.86 1.04
C SER C 21 1.51 -21.30 1.04
N LYS C 22 0.57 -21.64 0.16
CA LYS C 22 0.15 -23.03 -0.01
C LYS C 22 1.33 -23.93 -0.34
N ILE C 23 2.12 -23.53 -1.34
CA ILE C 23 3.29 -24.31 -1.73
C ILE C 23 4.23 -24.52 -0.54
N ILE C 24 4.46 -23.47 0.25
CA ILE C 24 5.34 -23.59 1.40
C ILE C 24 4.76 -24.60 2.40
N LYS C 25 3.49 -24.45 2.75
CA LYS C 25 2.91 -25.34 3.74
C LYS C 25 2.82 -26.75 3.21
N GLU C 26 2.42 -26.92 1.94
CA GLU C 26 2.28 -28.26 1.39
C GLU C 26 3.61 -28.97 1.20
N ALA C 27 4.72 -28.22 1.21
CA ALA C 27 6.05 -28.83 1.21
C ALA C 27 6.51 -29.23 2.61
N GLY C 28 5.76 -28.85 3.66
CA GLY C 28 6.09 -29.28 5.00
C GLY C 28 7.12 -28.40 5.69
N ALA C 29 7.01 -27.09 5.50
CA ALA C 29 7.84 -26.14 6.21
C ALA C 29 7.20 -25.78 7.55
N SER C 30 8.05 -25.55 8.56
CA SER C 30 7.61 -25.15 9.89
C SER C 30 6.64 -23.98 9.83
N GLY C 31 6.75 -23.14 8.81
CA GLY C 31 5.97 -21.91 8.71
C GLY C 31 6.70 -20.93 7.81
N TYR C 32 6.42 -19.64 8.03
CA TYR C 32 6.93 -18.64 7.08
C TYR C 32 6.48 -17.28 7.55
N THR C 33 7.19 -16.26 7.05
CA THR C 33 6.98 -14.87 7.44
C THR C 33 6.76 -14.06 6.18
N VAL C 34 5.78 -13.17 6.21
CA VAL C 34 5.51 -12.27 5.09
C VAL C 34 5.62 -10.82 5.56
N LEU C 35 6.31 -10.00 4.78
CA LEU C 35 6.36 -8.54 4.94
C LEU C 35 5.89 -7.83 3.67
N ALA C 36 5.26 -6.67 3.84
CA ALA C 36 4.90 -5.85 2.71
C ALA C 36 6.14 -5.15 2.20
N ALA C 37 6.25 -5.05 0.87
CA ALA C 37 7.42 -4.44 0.27
C ALA C 37 7.01 -3.80 -1.06
N ALA C 38 7.87 -2.90 -1.53
CA ALA C 38 7.79 -2.29 -2.85
C ALA C 38 9.16 -2.42 -3.49
N GLY C 39 9.25 -2.10 -4.77
CA GLY C 39 10.55 -2.05 -5.40
C GLY C 39 10.47 -1.90 -6.90
N GLU C 40 11.65 -1.87 -7.51
CA GLU C 40 11.82 -1.85 -8.96
C GLU C 40 12.76 -2.98 -9.37
N GLY C 41 12.63 -3.40 -10.61
CA GLY C 41 13.50 -4.42 -11.17
C GLY C 41 13.55 -4.33 -12.69
N ALA C 56 3.58 1.91 -4.82
CA ALA C 56 4.11 0.71 -5.47
C ALA C 56 4.08 -0.50 -4.52
N TYR C 57 3.76 -0.24 -3.25
CA TYR C 57 3.77 -1.26 -2.20
C TYR C 57 2.77 -2.38 -2.41
N SER C 58 2.80 -3.06 -3.54
CA SER C 58 1.98 -4.25 -3.69
C SER C 58 2.83 -5.43 -4.14
N ASN C 59 4.00 -5.58 -3.53
CA ASN C 59 4.73 -6.83 -3.57
C ASN C 59 4.86 -7.35 -2.14
N ILE C 60 5.19 -8.63 -2.02
CA ILE C 60 5.35 -9.25 -0.72
C ILE C 60 6.68 -9.99 -0.70
N LYS C 61 7.27 -10.06 0.49
CA LYS C 61 8.52 -10.75 0.73
C LYS C 61 8.25 -11.90 1.70
N PHE C 62 8.40 -13.13 1.19
CA PHE C 62 8.42 -14.32 2.01
C PHE C 62 9.82 -14.60 2.54
N GLU C 63 9.89 -15.06 3.78
CA GLU C 63 11.10 -15.61 4.37
C GLU C 63 10.71 -16.95 4.97
N VAL C 64 11.41 -18.00 4.56
CA VAL C 64 11.10 -19.36 5.00
C VAL C 64 12.38 -19.98 5.49
N LEU C 65 12.37 -20.46 6.73
CA LEU C 65 13.54 -21.05 7.33
C LEU C 65 13.34 -22.54 7.42
N THR C 66 14.41 -23.31 7.14
CA THR C 66 14.30 -24.75 7.03
C THR C 66 15.59 -25.38 7.53
N ALA C 67 15.46 -26.55 8.15
CA ALA C 67 16.63 -27.29 8.61
C ALA C 67 17.43 -27.85 7.45
N SER C 68 16.80 -28.13 6.32
CA SER C 68 17.44 -28.82 5.21
C SER C 68 17.44 -27.95 3.97
N ARG C 69 18.63 -27.68 3.43
CA ARG C 69 18.75 -27.03 2.12
C ARG C 69 17.93 -27.75 1.06
N GLU C 70 17.74 -29.07 1.23
CA GLU C 70 16.79 -29.83 0.43
C GLU C 70 15.44 -29.13 0.37
N LEU C 71 14.80 -29.00 1.54
CA LEU C 71 13.46 -28.41 1.64
C LEU C 71 13.41 -27.03 0.97
N ALA C 72 14.41 -26.20 1.22
CA ALA C 72 14.39 -24.85 0.66
C ALA C 72 14.42 -24.91 -0.86
N ASP C 73 15.27 -25.79 -1.41
CA ASP C 73 15.43 -25.84 -2.85
C ASP C 73 14.19 -26.37 -3.56
N GLN C 74 13.51 -27.35 -2.96
CA GLN C 74 12.27 -27.81 -3.60
C GLN C 74 11.24 -26.69 -3.63
N ILE C 75 10.89 -26.15 -2.46
CA ILE C 75 9.95 -25.04 -2.37
C ILE C 75 10.30 -24.01 -3.44
N GLN C 76 11.60 -23.75 -3.59
CA GLN C 76 12.07 -22.69 -4.49
C GLN C 76 11.77 -23.03 -5.93
N ASP C 77 12.18 -24.23 -6.38
CA ASP C 77 11.97 -24.62 -7.78
C ASP C 77 10.48 -24.69 -8.12
N LYS C 78 9.66 -25.18 -7.18
CA LYS C 78 8.23 -25.31 -7.46
C LYS C 78 7.59 -23.95 -7.62
N VAL C 79 7.97 -22.98 -6.77
CA VAL C 79 7.48 -21.61 -6.93
C VAL C 79 7.93 -21.06 -8.27
N VAL C 80 9.24 -21.12 -8.53
CA VAL C 80 9.81 -20.50 -9.73
C VAL C 80 9.23 -21.14 -10.99
N ALA C 81 9.00 -22.46 -10.95
CA ALA C 81 8.43 -23.13 -12.12
C ALA C 81 7.04 -22.59 -12.44
N LYS C 82 6.17 -22.50 -11.42
CA LYS C 82 4.77 -22.17 -11.63
C LYS C 82 4.53 -20.70 -11.96
N TYR C 83 5.42 -19.80 -11.52
CA TYR C 83 5.07 -18.38 -11.54
C TYR C 83 6.16 -17.42 -12.01
N PHE C 84 7.43 -17.84 -12.11
CA PHE C 84 8.48 -16.86 -12.33
C PHE C 84 8.34 -16.19 -13.71
N ASP C 85 8.08 -16.98 -14.75
CA ASP C 85 7.99 -16.43 -16.09
C ASP C 85 6.83 -15.45 -16.21
N ASP C 86 5.72 -15.73 -15.55
CA ASP C 86 4.51 -14.94 -15.72
C ASP C 86 4.35 -13.81 -14.70
N TYR C 87 5.07 -13.85 -13.56
CA TYR C 87 4.96 -12.82 -12.53
C TYR C 87 6.34 -12.26 -12.19
N SER C 88 6.36 -10.99 -11.79
CA SER C 88 7.61 -10.40 -11.32
C SER C 88 7.96 -11.00 -9.96
N CYS C 89 9.14 -11.62 -9.87
CA CYS C 89 9.42 -12.56 -8.81
C CYS C 89 10.92 -12.81 -8.72
N ILE C 90 11.47 -12.78 -7.51
CA ILE C 90 12.88 -13.07 -7.27
C ILE C 90 13.03 -13.92 -6.02
N THR C 91 14.19 -14.55 -5.90
CA THR C 91 14.44 -15.46 -4.81
C THR C 91 15.95 -15.53 -4.57
N TYR C 92 16.33 -15.93 -3.35
CA TYR C 92 17.71 -16.16 -2.95
C TYR C 92 17.74 -16.88 -1.61
N ILE C 93 18.85 -17.53 -1.32
CA ILE C 93 18.99 -18.33 -0.11
C ILE C 93 20.23 -17.87 0.65
N SER C 94 20.14 -17.86 1.98
CA SER C 94 21.29 -17.65 2.85
C SER C 94 21.20 -18.62 4.02
N THR C 95 22.19 -18.55 4.91
CA THR C 95 22.16 -19.35 6.12
C THR C 95 22.12 -18.43 7.32
N VAL C 96 21.50 -18.94 8.40
CA VAL C 96 21.42 -18.25 9.68
C VAL C 96 21.59 -19.28 10.79
N GLU C 97 21.74 -18.80 12.02
CA GLU C 97 21.96 -19.66 13.18
C GLU C 97 20.76 -19.57 14.12
N ALA C 98 20.06 -20.69 14.31
CA ALA C 98 18.84 -20.75 15.10
C ALA C 98 19.12 -21.44 16.43
N LEU C 99 18.07 -21.86 17.13
CA LEU C 99 18.28 -22.49 18.42
C LEU C 99 17.80 -23.93 18.44
N SER D 2 1.50 7.13 4.06
CA SER D 2 2.00 7.01 2.69
C SER D 2 1.86 5.56 2.18
N GLN D 3 1.14 4.74 2.94
CA GLN D 3 0.95 3.33 2.64
C GLN D 3 -0.15 3.11 1.61
N GLN D 4 0.03 2.12 0.75
CA GLN D 4 -0.89 1.84 -0.35
C GLN D 4 -2.03 0.96 0.12
N VAL D 5 -3.26 1.32 -0.26
CA VAL D 5 -4.47 0.64 0.19
C VAL D 5 -5.34 0.34 -1.03
N TRP D 6 -6.14 -0.71 -0.93
CA TRP D 6 -7.05 -1.12 -1.98
C TRP D 6 -8.41 -0.45 -1.80
N LYS D 7 -8.98 0.04 -2.92
CA LYS D 7 -10.28 0.67 -2.90
C LYS D 7 -11.23 -0.17 -3.72
N LEU D 8 -12.18 -0.83 -3.03
CA LEU D 8 -13.19 -1.66 -3.67
C LEU D 8 -14.48 -0.87 -3.81
N VAL D 9 -15.05 -0.88 -5.02
CA VAL D 9 -16.31 -0.21 -5.33
C VAL D 9 -17.34 -1.27 -5.69
N ILE D 10 -18.55 -1.12 -5.15
CA ILE D 10 -19.67 -1.97 -5.55
C ILE D 10 -20.86 -1.05 -5.74
N ILE D 11 -21.43 -1.03 -6.94
CA ILE D 11 -22.63 -0.25 -7.21
C ILE D 11 -23.79 -1.23 -7.32
N THR D 12 -24.84 -1.03 -6.53
CA THR D 12 -25.99 -1.94 -6.53
C THR D 12 -27.29 -1.15 -6.39
N GLU D 13 -28.41 -1.87 -6.50
CA GLU D 13 -29.70 -1.28 -6.16
C GLU D 13 -29.77 -1.01 -4.67
N GLU D 14 -30.45 0.10 -4.31
CA GLU D 14 -30.57 0.50 -2.91
C GLU D 14 -31.22 -0.57 -2.05
N ILE D 15 -31.97 -1.50 -2.67
CA ILE D 15 -32.61 -2.60 -1.95
C ILE D 15 -31.57 -3.40 -1.15
N LEU D 16 -30.38 -3.53 -1.70
CA LEU D 16 -29.32 -4.39 -1.16
C LEU D 16 -28.49 -3.73 -0.08
N LEU D 17 -28.84 -2.51 0.35
CA LEU D 17 -27.93 -1.76 1.22
C LEU D 17 -27.62 -2.53 2.49
N LYS D 18 -28.62 -3.19 3.10
CA LYS D 18 -28.39 -3.86 4.38
C LYS D 18 -27.60 -5.15 4.17
N LYS D 19 -28.04 -6.00 3.25
CA LYS D 19 -27.35 -7.24 2.93
C LYS D 19 -25.89 -7.00 2.55
N VAL D 20 -25.63 -6.00 1.69
CA VAL D 20 -24.26 -5.76 1.28
C VAL D 20 -23.45 -5.16 2.43
N SER D 21 -24.08 -4.29 3.22
CA SER D 21 -23.41 -3.73 4.40
C SER D 21 -23.06 -4.81 5.40
N LYS D 22 -23.87 -5.87 5.46
CA LYS D 22 -23.55 -7.00 6.33
C LYS D 22 -22.29 -7.71 5.87
N ILE D 23 -22.16 -7.93 4.56
CA ILE D 23 -21.01 -8.69 4.05
C ILE D 23 -19.72 -7.94 4.33
N ILE D 24 -19.75 -6.61 4.21
CA ILE D 24 -18.50 -5.86 4.39
C ILE D 24 -18.02 -5.97 5.82
N LYS D 25 -18.91 -5.73 6.79
CA LYS D 25 -18.49 -5.77 8.18
C LYS D 25 -18.14 -7.19 8.62
N GLU D 26 -18.92 -8.18 8.16
CA GLU D 26 -18.68 -9.56 8.58
C GLU D 26 -17.35 -10.08 8.06
N ALA D 27 -16.90 -9.60 6.90
CA ALA D 27 -15.62 -10.00 6.36
C ALA D 27 -14.44 -9.39 7.11
N GLY D 28 -14.68 -8.37 7.92
CA GLY D 28 -13.63 -7.82 8.76
C GLY D 28 -13.13 -6.45 8.38
N ALA D 29 -13.77 -5.76 7.44
CA ALA D 29 -13.29 -4.47 6.98
C ALA D 29 -13.43 -3.41 8.07
N SER D 30 -12.56 -2.40 8.01
CA SER D 30 -12.59 -1.37 9.04
C SER D 30 -13.73 -0.38 8.86
N GLY D 31 -14.47 -0.47 7.76
CA GLY D 31 -15.56 0.45 7.50
C GLY D 31 -15.83 0.53 6.01
N TYR D 32 -16.76 1.43 5.68
CA TYR D 32 -17.20 1.60 4.30
C TYR D 32 -17.96 2.91 4.21
N THR D 33 -18.04 3.43 2.99
CA THR D 33 -18.80 4.61 2.67
C THR D 33 -19.83 4.27 1.59
N VAL D 34 -21.04 4.75 1.77
CA VAL D 34 -22.07 4.57 0.76
C VAL D 34 -22.46 5.95 0.25
N LEU D 35 -22.87 6.00 -1.02
CA LEU D 35 -23.42 7.21 -1.61
C LEU D 35 -24.60 6.82 -2.47
N ALA D 36 -25.50 7.77 -2.67
CA ALA D 36 -26.63 7.57 -3.57
C ALA D 36 -26.18 7.86 -4.99
N ALA D 37 -26.45 6.91 -5.90
CA ALA D 37 -26.11 7.06 -7.30
C ALA D 37 -27.30 6.71 -8.18
N ALA D 38 -27.26 7.22 -9.39
CA ALA D 38 -28.15 6.80 -10.46
C ALA D 38 -27.29 6.31 -11.61
N GLY D 39 -27.93 5.87 -12.67
CA GLY D 39 -27.15 5.48 -13.83
C GLY D 39 -27.90 4.48 -14.66
N GLU D 40 -27.25 4.05 -15.74
CA GLU D 40 -27.80 3.09 -16.66
C GLU D 40 -26.72 2.08 -16.98
N GLY D 41 -27.12 0.97 -17.60
CA GLY D 41 -26.22 -0.08 -18.02
C GLY D 41 -26.93 -1.09 -18.90
N SER D 42 -26.41 -2.31 -18.98
CA SER D 42 -27.09 -3.39 -19.73
C SER D 42 -28.26 -3.98 -18.93
N SER D 54 -32.01 5.46 -13.41
CA SER D 54 -32.42 6.23 -14.57
C SER D 54 -31.96 7.67 -14.41
N HIS D 55 -32.88 8.55 -14.03
CA HIS D 55 -32.58 9.87 -13.52
C HIS D 55 -32.70 9.96 -12.00
N ALA D 56 -33.53 9.11 -11.40
CA ALA D 56 -33.71 9.08 -9.95
C ALA D 56 -32.66 8.18 -9.32
N TYR D 57 -32.27 8.53 -8.10
CA TYR D 57 -31.08 7.95 -7.49
C TYR D 57 -31.45 6.64 -6.78
N SER D 58 -31.73 5.62 -7.59
CA SER D 58 -32.20 4.35 -7.09
C SER D 58 -31.08 3.39 -6.72
N ASN D 59 -29.83 3.73 -7.01
CA ASN D 59 -28.70 2.88 -6.73
C ASN D 59 -27.90 3.42 -5.54
N ILE D 60 -27.02 2.55 -5.03
CA ILE D 60 -26.03 2.94 -4.03
C ILE D 60 -24.65 2.53 -4.53
N LYS D 61 -23.66 3.35 -4.24
CA LYS D 61 -22.28 3.06 -4.52
C LYS D 61 -21.55 2.85 -3.21
N PHE D 62 -20.88 1.70 -3.07
CA PHE D 62 -20.05 1.40 -1.92
C PHE D 62 -18.57 1.61 -2.25
N GLU D 63 -17.86 2.26 -1.33
CA GLU D 63 -16.39 2.34 -1.35
C GLU D 63 -15.85 1.67 -0.08
N VAL D 64 -15.04 0.64 -0.25
CA VAL D 64 -14.49 -0.12 0.86
C VAL D 64 -12.97 -0.13 0.73
N LEU D 65 -12.29 0.50 1.69
CA LEU D 65 -10.83 0.58 1.72
C LEU D 65 -10.26 -0.50 2.65
N THR D 66 -9.26 -1.25 2.17
CA THR D 66 -8.56 -2.26 2.96
C THR D 66 -7.14 -2.38 2.45
N ALA D 67 -6.17 -2.44 3.37
CA ALA D 67 -4.79 -2.66 2.96
C ALA D 67 -4.58 -4.03 2.33
N SER D 68 -5.45 -4.99 2.64
CA SER D 68 -5.30 -6.36 2.18
C SER D 68 -6.13 -6.58 0.93
N ARG D 69 -5.46 -6.90 -0.19
CA ARG D 69 -6.17 -7.24 -1.41
C ARG D 69 -7.00 -8.51 -1.25
N GLU D 70 -6.53 -9.44 -0.40
CA GLU D 70 -7.27 -10.68 -0.18
C GLU D 70 -8.62 -10.40 0.47
N LEU D 71 -8.67 -9.46 1.41
CA LEU D 71 -9.96 -9.10 2.00
C LEU D 71 -10.85 -8.43 0.96
N ALA D 72 -10.27 -7.52 0.17
CA ALA D 72 -11.01 -6.90 -0.93
C ALA D 72 -11.64 -7.95 -1.84
N ASP D 73 -10.83 -8.88 -2.35
CA ASP D 73 -11.35 -9.94 -3.22
C ASP D 73 -12.39 -10.81 -2.51
N GLN D 74 -12.29 -10.95 -1.19
CA GLN D 74 -13.24 -11.74 -0.43
C GLN D 74 -14.62 -11.09 -0.42
N ILE D 75 -14.69 -9.79 -0.07
CA ILE D 75 -15.96 -9.08 -0.11
C ILE D 75 -16.57 -9.16 -1.50
N GLN D 76 -15.75 -8.85 -2.51
CA GLN D 76 -16.21 -8.85 -3.91
C GLN D 76 -16.82 -10.19 -4.28
N ASP D 77 -16.07 -11.28 -4.06
CA ASP D 77 -16.55 -12.59 -4.47
C ASP D 77 -17.80 -13.03 -3.71
N LYS D 78 -18.01 -12.52 -2.51
CA LYS D 78 -19.27 -12.75 -1.81
C LYS D 78 -20.42 -12.02 -2.50
N VAL D 79 -20.23 -10.73 -2.76
CA VAL D 79 -21.28 -9.93 -3.42
C VAL D 79 -21.61 -10.52 -4.78
N VAL D 80 -20.58 -10.92 -5.53
CA VAL D 80 -20.81 -11.47 -6.85
C VAL D 80 -21.63 -12.75 -6.74
N ALA D 81 -21.15 -13.70 -5.94
CA ALA D 81 -21.82 -14.98 -5.81
C ALA D 81 -23.26 -14.80 -5.37
N LYS D 82 -23.51 -13.86 -4.48
CA LYS D 82 -24.85 -13.75 -3.92
C LYS D 82 -25.81 -13.02 -4.86
N TYR D 83 -25.41 -11.86 -5.39
CA TYR D 83 -26.40 -10.96 -5.97
C TYR D 83 -26.24 -10.62 -7.43
N PHE D 84 -25.19 -11.07 -8.13
CA PHE D 84 -24.98 -10.54 -9.48
C PHE D 84 -25.89 -11.14 -10.53
N ASP D 85 -26.56 -12.26 -10.25
CA ASP D 85 -27.39 -12.86 -11.30
C ASP D 85 -28.77 -12.21 -11.36
N ASP D 86 -29.30 -11.82 -10.20
CA ASP D 86 -30.69 -11.36 -10.10
C ASP D 86 -30.81 -9.89 -9.74
N TYR D 87 -29.70 -9.22 -9.46
CA TYR D 87 -29.67 -7.78 -9.22
C TYR D 87 -28.68 -7.12 -10.18
N SER D 88 -28.92 -5.84 -10.47
CA SER D 88 -28.02 -5.07 -11.31
C SER D 88 -26.86 -4.56 -10.46
N CYS D 89 -25.63 -4.94 -10.81
CA CYS D 89 -24.47 -4.58 -10.00
C CYS D 89 -23.21 -4.54 -10.85
N ILE D 90 -22.25 -3.71 -10.44
CA ILE D 90 -20.89 -3.73 -10.95
C ILE D 90 -19.94 -3.58 -9.78
N THR D 91 -18.67 -3.84 -10.03
CA THR D 91 -17.65 -3.71 -9.02
C THR D 91 -16.33 -3.49 -9.73
N TYR D 92 -15.40 -2.88 -9.01
CA TYR D 92 -14.04 -2.74 -9.50
C TYR D 92 -13.14 -2.33 -8.35
N ILE D 93 -11.85 -2.48 -8.56
CA ILE D 93 -10.84 -2.23 -7.53
C ILE D 93 -9.77 -1.32 -8.09
N SER D 94 -9.33 -0.36 -7.26
CA SER D 94 -8.20 0.50 -7.57
C SER D 94 -7.34 0.60 -6.31
N THR D 95 -6.26 1.37 -6.39
CA THR D 95 -5.42 1.66 -5.23
C THR D 95 -5.34 3.16 -4.99
N VAL D 96 -5.05 3.50 -3.73
CA VAL D 96 -4.84 4.86 -3.26
C VAL D 96 -3.75 4.81 -2.20
N GLU D 97 -3.20 5.97 -1.87
CA GLU D 97 -2.22 6.09 -0.79
C GLU D 97 -2.91 6.73 0.40
N ALA D 98 -2.84 6.06 1.56
CA ALA D 98 -3.37 6.61 2.79
C ALA D 98 -2.24 6.72 3.80
N LEU D 99 -2.49 7.47 4.87
CA LEU D 99 -1.52 7.65 5.93
C LEU D 99 -1.51 6.45 6.85
N GLN E 3 -8.60 -7.38 -15.60
CA GLN E 3 -8.66 -6.53 -16.80
C GLN E 3 -8.58 -5.03 -16.47
N GLN E 4 -7.67 -4.35 -17.15
CA GLN E 4 -7.42 -2.93 -16.93
C GLN E 4 -8.43 -2.11 -17.73
N VAL E 5 -9.40 -1.50 -17.05
CA VAL E 5 -10.38 -0.65 -17.69
C VAL E 5 -10.13 0.79 -17.30
N TRP E 6 -10.67 1.70 -18.11
CA TRP E 6 -10.53 3.13 -17.87
C TRP E 6 -11.83 3.67 -17.28
N LYS E 7 -11.70 4.68 -16.42
CA LYS E 7 -12.85 5.32 -15.79
C LYS E 7 -12.78 6.82 -16.04
N LEU E 8 -13.73 7.32 -16.81
CA LEU E 8 -13.80 8.74 -17.16
C LEU E 8 -14.77 9.40 -16.20
N VAL E 9 -14.35 10.47 -15.56
CA VAL E 9 -15.21 11.29 -14.70
C VAL E 9 -15.48 12.60 -15.43
N ILE E 10 -16.72 13.07 -15.34
CA ILE E 10 -17.15 14.37 -15.84
C ILE E 10 -18.04 15.00 -14.80
N ILE E 11 -17.71 16.21 -14.37
CA ILE E 11 -18.51 16.94 -13.41
C ILE E 11 -19.09 18.15 -14.14
N THR E 12 -20.42 18.31 -14.10
CA THR E 12 -21.07 19.37 -14.85
C THR E 12 -22.30 19.84 -14.08
N GLU E 13 -22.90 20.91 -14.59
CA GLU E 13 -24.18 21.37 -14.10
C GLU E 13 -25.28 20.36 -14.42
N GLU E 14 -26.30 20.33 -13.56
CA GLU E 14 -27.31 19.27 -13.64
C GLU E 14 -28.13 19.35 -14.92
N ILE E 15 -28.24 20.54 -15.51
CA ILE E 15 -28.97 20.65 -16.77
C ILE E 15 -28.38 19.74 -17.84
N LEU E 16 -27.12 19.31 -17.70
CA LEU E 16 -26.45 18.56 -18.77
C LEU E 16 -26.66 17.06 -18.66
N LEU E 17 -27.50 16.63 -17.73
CA LEU E 17 -27.61 15.21 -17.39
C LEU E 17 -28.02 14.35 -18.58
N LYS E 18 -29.09 14.73 -19.26
CA LYS E 18 -29.54 13.95 -20.41
C LYS E 18 -28.73 14.26 -21.66
N LYS E 19 -28.22 15.49 -21.81
CA LYS E 19 -27.36 15.78 -22.96
C LYS E 19 -26.08 14.95 -22.92
N VAL E 20 -25.45 14.83 -21.75
CA VAL E 20 -24.18 14.13 -21.66
C VAL E 20 -24.38 12.61 -21.73
N SER E 21 -25.38 12.09 -21.04
CA SER E 21 -25.61 10.65 -21.11
C SER E 21 -26.00 10.23 -22.53
N LYS E 22 -26.68 11.09 -23.29
CA LYS E 22 -26.88 10.82 -24.72
C LYS E 22 -25.56 10.63 -25.46
N ILE E 23 -24.61 11.56 -25.25
CA ILE E 23 -23.28 11.38 -25.85
C ILE E 23 -22.61 10.10 -25.36
N ILE E 24 -22.76 9.77 -24.08
CA ILE E 24 -22.11 8.57 -23.57
C ILE E 24 -22.68 7.33 -24.27
N LYS E 25 -23.99 7.27 -24.43
CA LYS E 25 -24.58 6.06 -24.99
C LYS E 25 -24.32 5.95 -26.48
N GLU E 26 -24.50 7.05 -27.21
CA GLU E 26 -24.24 7.05 -28.64
C GLU E 26 -22.83 6.59 -28.95
N ALA E 27 -21.85 6.98 -28.14
CA ALA E 27 -20.48 6.54 -28.42
C ALA E 27 -20.28 5.05 -28.18
N GLY E 28 -21.21 4.37 -27.52
CA GLY E 28 -21.13 2.92 -27.35
C GLY E 28 -20.73 2.43 -25.97
N ALA E 29 -20.51 3.32 -25.00
CA ALA E 29 -20.19 2.89 -23.65
C ALA E 29 -21.31 2.01 -23.10
N SER E 30 -20.93 1.03 -22.26
CA SER E 30 -21.90 0.07 -21.74
C SER E 30 -22.80 0.64 -20.64
N GLY E 31 -22.43 1.78 -20.09
CA GLY E 31 -23.24 2.38 -19.05
C GLY E 31 -22.52 3.53 -18.41
N TYR E 32 -23.11 4.09 -17.37
CA TYR E 32 -22.52 5.20 -16.67
C TYR E 32 -23.17 5.32 -15.31
N THR E 33 -22.49 6.00 -14.41
CA THR E 33 -23.00 6.23 -13.08
C THR E 33 -22.98 7.72 -12.84
N VAL E 34 -24.03 8.22 -12.24
CA VAL E 34 -24.14 9.65 -11.93
C VAL E 34 -24.40 9.79 -10.43
N LEU E 35 -23.74 10.77 -9.80
CA LEU E 35 -23.96 11.12 -8.41
C LEU E 35 -24.20 12.62 -8.28
N ALA E 36 -25.05 13.00 -7.34
CA ALA E 36 -25.28 14.41 -7.07
C ALA E 36 -24.11 14.98 -6.30
N ALA E 37 -23.71 16.20 -6.64
CA ALA E 37 -22.50 16.77 -6.09
C ALA E 37 -22.62 18.28 -6.05
N ALA E 38 -21.95 18.88 -5.09
CA ALA E 38 -21.80 20.32 -4.99
C ALA E 38 -20.34 20.65 -5.18
N GLY E 39 -20.03 21.94 -5.31
CA GLY E 39 -18.65 22.30 -5.56
C GLY E 39 -18.52 23.77 -5.85
N GLU E 40 -17.28 24.25 -5.86
CA GLU E 40 -17.00 25.66 -6.08
C GLU E 40 -16.04 25.91 -7.22
N GLY E 41 -14.91 25.23 -7.25
CA GLY E 41 -13.99 25.41 -8.36
C GLY E 41 -13.43 26.81 -8.55
N ALA E 56 -25.55 23.43 -2.22
CA ALA E 56 -26.15 23.63 -3.53
C ALA E 56 -25.75 22.50 -4.48
N TYR E 57 -26.17 21.27 -4.16
CA TYR E 57 -25.91 20.10 -5.01
C TYR E 57 -26.54 20.27 -6.40
N SER E 58 -26.19 21.36 -7.08
CA SER E 58 -26.64 21.64 -8.42
C SER E 58 -25.71 21.07 -9.49
N ASN E 59 -24.70 20.30 -9.09
CA ASN E 59 -23.86 19.62 -10.05
C ASN E 59 -24.11 18.13 -10.00
N ILE E 60 -23.61 17.45 -11.01
CA ILE E 60 -23.66 16.01 -11.13
C ILE E 60 -22.28 15.53 -11.51
N LYS E 61 -21.95 14.32 -11.08
CA LYS E 61 -20.67 13.70 -11.38
C LYS E 61 -20.94 12.40 -12.13
N PHE E 62 -20.46 12.35 -13.38
CA PHE E 62 -20.54 11.17 -14.24
C PHE E 62 -19.30 10.30 -14.06
N GLU E 63 -19.51 8.99 -14.04
CA GLU E 63 -18.41 8.02 -14.07
C GLU E 63 -18.71 7.00 -15.14
N VAL E 64 -17.78 6.81 -16.07
CA VAL E 64 -18.00 5.98 -17.25
C VAL E 64 -16.82 5.03 -17.33
N LEU E 65 -17.09 3.75 -17.23
CA LEU E 65 -16.04 2.76 -17.39
C LEU E 65 -16.06 2.28 -18.84
N THR E 66 -14.88 2.20 -19.45
CA THR E 66 -14.76 1.75 -20.84
C THR E 66 -13.56 0.85 -20.96
N ALA E 67 -13.69 -0.20 -21.77
CA ALA E 67 -12.59 -1.12 -21.95
C ALA E 67 -11.45 -0.47 -22.74
N SER E 68 -11.76 0.42 -23.67
CA SER E 68 -10.75 1.03 -24.53
C SER E 68 -10.61 2.51 -24.21
N ARG E 69 -9.36 2.94 -23.98
CA ARG E 69 -9.02 4.34 -23.80
C ARG E 69 -9.55 5.23 -24.94
N GLU E 70 -9.66 4.68 -26.15
CA GLU E 70 -10.21 5.45 -27.28
C GLU E 70 -11.65 5.85 -27.05
N LEU E 71 -12.47 4.93 -26.53
CA LEU E 71 -13.84 5.27 -26.17
C LEU E 71 -13.88 6.45 -25.20
N ALA E 72 -13.10 6.36 -24.12
CA ALA E 72 -13.12 7.39 -23.08
C ALA E 72 -12.66 8.73 -23.62
N ASP E 73 -11.58 8.73 -24.43
CA ASP E 73 -11.10 9.99 -24.99
C ASP E 73 -12.07 10.54 -26.02
N GLN E 74 -12.75 9.67 -26.75
CA GLN E 74 -13.76 10.15 -27.70
C GLN E 74 -14.96 10.75 -26.97
N ILE E 75 -15.45 10.10 -25.91
CA ILE E 75 -16.51 10.70 -25.11
C ILE E 75 -16.06 12.03 -24.54
N GLN E 76 -14.88 12.04 -23.94
CA GLN E 76 -14.38 13.25 -23.30
C GLN E 76 -14.25 14.38 -24.30
N ASP E 77 -13.76 14.07 -25.50
CA ASP E 77 -13.52 15.09 -26.52
C ASP E 77 -14.80 15.80 -26.92
N LYS E 78 -15.88 15.04 -27.12
CA LYS E 78 -17.13 15.65 -27.56
C LYS E 78 -17.82 16.42 -26.44
N VAL E 79 -17.78 15.93 -25.20
CA VAL E 79 -18.39 16.71 -24.11
C VAL E 79 -17.67 18.05 -23.97
N VAL E 80 -16.34 18.01 -24.00
CA VAL E 80 -15.53 19.21 -23.87
C VAL E 80 -15.85 20.19 -24.99
N ALA E 81 -15.74 19.72 -26.23
CA ALA E 81 -15.99 20.58 -27.37
C ALA E 81 -17.40 21.14 -27.34
N LYS E 82 -18.38 20.31 -26.97
CA LYS E 82 -19.75 20.76 -27.10
C LYS E 82 -20.20 21.59 -25.89
N TYR E 83 -19.66 21.38 -24.69
CA TYR E 83 -20.26 22.02 -23.53
C TYR E 83 -19.32 22.84 -22.67
N PHE E 84 -18.01 22.61 -22.71
CA PHE E 84 -17.16 23.18 -21.67
C PHE E 84 -17.00 24.70 -21.80
N ASP E 85 -17.29 25.26 -22.98
N ASP E 85 -17.29 25.26 -22.98
CA ASP E 85 -17.15 26.69 -23.20
CA ASP E 85 -17.15 26.69 -23.20
C ASP E 85 -18.30 27.48 -22.61
C ASP E 85 -18.30 27.48 -22.61
N ASP E 86 -19.50 26.89 -22.54
CA ASP E 86 -20.66 27.59 -22.02
C ASP E 86 -21.10 27.13 -20.64
N TYR E 87 -20.49 26.08 -20.09
CA TYR E 87 -20.84 25.58 -18.76
C TYR E 87 -19.56 25.22 -18.01
N SER E 88 -19.56 25.44 -16.71
CA SER E 88 -18.40 25.14 -15.88
C SER E 88 -18.32 23.64 -15.60
N CYS E 89 -17.26 23.00 -16.08
CA CYS E 89 -17.15 21.55 -16.06
C CYS E 89 -15.70 21.17 -15.87
N ILE E 90 -15.47 20.00 -15.27
CA ILE E 90 -14.14 19.41 -15.20
C ILE E 90 -14.25 17.95 -15.61
N THR E 91 -13.11 17.40 -16.01
CA THR E 91 -13.04 16.00 -16.37
C THR E 91 -11.65 15.46 -16.13
N TYR E 92 -11.55 14.15 -15.97
CA TYR E 92 -10.27 13.49 -15.77
C TYR E 92 -10.49 12.00 -15.98
N ILE E 93 -9.39 11.28 -16.10
CA ILE E 93 -9.42 9.86 -16.41
C ILE E 93 -8.41 9.15 -15.52
N SER E 94 -8.76 7.92 -15.10
CA SER E 94 -7.84 7.02 -14.41
C SER E 94 -8.21 5.59 -14.80
N THR E 95 -7.41 4.62 -14.34
CA THR E 95 -7.69 3.21 -14.62
C THR E 95 -8.12 2.51 -13.34
N VAL E 96 -8.82 1.38 -13.52
CA VAL E 96 -9.26 0.50 -12.43
C VAL E 96 -9.30 -0.92 -12.98
N GLU E 97 -9.61 -1.90 -12.12
CA GLU E 97 -9.64 -3.31 -12.48
C GLU E 97 -11.05 -3.84 -12.27
N ALA E 98 -11.65 -4.41 -13.32
CA ALA E 98 -13.06 -4.80 -13.25
C ALA E 98 -13.31 -6.31 -13.22
N SER F 2 -3.79 15.02 -20.86
CA SER F 2 -2.50 14.44 -20.48
C SER F 2 -1.76 15.35 -19.50
N GLN F 3 -2.16 15.31 -18.22
CA GLN F 3 -1.59 16.17 -17.19
C GLN F 3 -1.89 15.53 -15.83
N GLN F 4 -0.89 14.83 -15.29
CA GLN F 4 -1.11 14.06 -14.06
C GLN F 4 -1.34 14.99 -12.87
N VAL F 5 -2.45 14.74 -12.17
CA VAL F 5 -2.90 15.58 -11.06
C VAL F 5 -3.19 14.66 -9.88
N TRP F 6 -3.12 15.21 -8.68
CA TRP F 6 -3.45 14.45 -7.48
C TRP F 6 -4.89 14.72 -7.07
N LYS F 7 -5.55 13.67 -6.60
CA LYS F 7 -6.91 13.79 -6.12
C LYS F 7 -6.89 13.46 -4.63
N LEU F 8 -7.21 14.45 -3.81
CA LEU F 8 -7.24 14.28 -2.37
C LEU F 8 -8.67 14.11 -1.90
N VAL F 9 -8.91 13.10 -1.08
CA VAL F 9 -10.26 12.84 -0.60
C VAL F 9 -10.42 12.92 0.91
N ILE F 10 -11.44 13.64 1.35
CA ILE F 10 -11.74 13.75 2.77
C ILE F 10 -13.21 13.43 2.95
N ILE F 11 -13.50 12.51 3.86
CA ILE F 11 -14.87 12.20 4.28
C ILE F 11 -15.00 12.55 5.78
N THR F 12 -15.74 13.62 6.09
CA THR F 12 -16.06 13.94 7.48
C THR F 12 -17.57 14.12 7.68
N GLU F 13 -17.95 14.57 8.86
CA GLU F 13 -19.36 14.85 9.14
C GLU F 13 -19.78 16.15 8.50
N GLU F 14 -21.08 16.25 8.20
CA GLU F 14 -21.65 17.39 7.50
C GLU F 14 -21.38 18.71 8.23
N ILE F 15 -21.30 18.68 9.57
CA ILE F 15 -21.10 19.90 10.35
C ILE F 15 -19.78 20.58 10.02
N LEU F 16 -18.84 19.88 9.39
CA LEU F 16 -17.54 20.41 9.07
C LEU F 16 -17.46 21.04 7.69
N LEU F 17 -18.60 21.18 7.00
CA LEU F 17 -18.61 21.62 5.60
C LEU F 17 -17.88 22.95 5.42
N LYS F 18 -18.31 23.97 6.16
CA LYS F 18 -17.73 25.30 6.03
C LYS F 18 -16.26 25.34 6.47
N LYS F 19 -15.93 24.67 7.57
CA LYS F 19 -14.57 24.71 8.09
C LYS F 19 -13.59 24.03 7.13
N VAL F 20 -13.94 22.84 6.65
CA VAL F 20 -13.04 22.14 5.74
C VAL F 20 -12.95 22.87 4.42
N SER F 21 -14.07 23.43 3.95
CA SER F 21 -14.06 24.23 2.73
C SER F 21 -13.03 25.36 2.83
N LYS F 22 -12.98 26.04 3.97
CA LYS F 22 -12.00 27.10 4.19
C LYS F 22 -10.58 26.58 3.98
N ILE F 23 -10.24 25.48 4.66
CA ILE F 23 -8.89 24.92 4.54
C ILE F 23 -8.55 24.62 3.09
N ILE F 24 -9.50 24.05 2.34
CA ILE F 24 -9.27 23.76 0.93
C ILE F 24 -9.01 25.06 0.17
N LYS F 25 -9.90 26.04 0.34
CA LYS F 25 -9.78 27.28 -0.40
C LYS F 25 -8.58 28.09 0.09
N GLU F 26 -8.39 28.15 1.41
CA GLU F 26 -7.30 28.94 1.96
C GLU F 26 -5.94 28.29 1.71
N ALA F 27 -5.89 27.01 1.34
CA ALA F 27 -4.62 26.39 1.00
C ALA F 27 -4.16 26.69 -0.41
N GLY F 28 -5.04 27.22 -1.26
CA GLY F 28 -4.67 27.54 -2.63
C GLY F 28 -5.14 26.57 -3.70
N ALA F 29 -6.09 25.69 -3.38
CA ALA F 29 -6.60 24.76 -4.37
C ALA F 29 -7.59 25.45 -5.29
N SER F 30 -7.52 25.14 -6.59
CA SER F 30 -8.39 25.82 -7.55
C SER F 30 -9.87 25.65 -7.20
N GLY F 31 -10.23 24.51 -6.60
CA GLY F 31 -11.60 24.27 -6.22
C GLY F 31 -11.76 22.90 -5.60
N TYR F 32 -13.01 22.51 -5.36
CA TYR F 32 -13.29 21.24 -4.73
C TYR F 32 -14.66 20.75 -5.13
N THR F 33 -14.90 19.45 -4.95
CA THR F 33 -16.18 18.80 -5.17
C THR F 33 -16.61 18.09 -3.91
N VAL F 34 -17.90 18.17 -3.56
CA VAL F 34 -18.40 17.54 -2.35
C VAL F 34 -19.69 16.78 -2.66
N LEU F 35 -19.81 15.58 -2.07
CA LEU F 35 -20.98 14.72 -2.20
C LEU F 35 -21.50 14.32 -0.82
N ALA F 36 -22.81 14.16 -0.71
CA ALA F 36 -23.37 13.58 0.49
C ALA F 36 -23.01 12.11 0.60
N ALA F 37 -22.61 11.68 1.78
CA ALA F 37 -22.21 10.29 1.97
C ALA F 37 -22.83 9.77 3.26
N ALA F 38 -22.65 8.47 3.47
CA ALA F 38 -22.96 7.82 4.73
C ALA F 38 -21.98 6.66 4.88
N GLY F 39 -21.90 6.12 6.07
CA GLY F 39 -20.95 5.04 6.26
C GLY F 39 -20.74 4.72 7.72
N GLU F 40 -19.85 3.75 7.94
CA GLU F 40 -19.43 3.32 9.25
C GLU F 40 -17.92 3.25 9.27
N GLY F 41 -17.36 3.37 10.47
CA GLY F 41 -15.93 3.25 10.70
C GLY F 41 -15.61 2.48 11.98
N SER F 42 -14.63 2.95 12.74
CA SER F 42 -14.34 2.33 14.04
C SER F 42 -14.84 3.21 15.19
N ALA F 56 -28.27 7.20 8.22
CA ALA F 56 -28.43 8.58 7.76
C ALA F 56 -27.24 9.04 6.91
N TYR F 57 -27.53 9.68 5.78
CA TYR F 57 -26.50 10.31 4.95
C TYR F 57 -26.01 11.57 5.69
N SER F 58 -25.14 11.35 6.68
CA SER F 58 -24.66 12.42 7.52
C SER F 58 -23.23 12.85 7.19
N ASN F 59 -22.51 12.08 6.39
CA ASN F 59 -21.14 12.40 6.00
C ASN F 59 -21.11 13.27 4.74
N ILE F 60 -19.98 13.92 4.53
CA ILE F 60 -19.68 14.60 3.27
C ILE F 60 -18.32 14.13 2.80
N LYS F 61 -18.22 13.83 1.51
CA LYS F 61 -16.99 13.36 0.90
C LYS F 61 -16.41 14.47 0.04
N PHE F 62 -15.23 14.93 0.40
CA PHE F 62 -14.56 15.95 -0.39
C PHE F 62 -13.65 15.31 -1.43
N GLU F 63 -13.56 15.98 -2.58
CA GLU F 63 -12.62 15.63 -3.63
C GLU F 63 -11.97 16.93 -4.08
N VAL F 64 -10.65 16.98 -3.99
CA VAL F 64 -9.89 18.18 -4.34
C VAL F 64 -8.82 17.75 -5.32
N LEU F 65 -8.83 18.33 -6.51
CA LEU F 65 -7.82 18.07 -7.52
C LEU F 65 -6.72 19.12 -7.38
N THR F 66 -5.49 18.67 -7.14
CA THR F 66 -4.33 19.53 -7.06
C THR F 66 -3.23 19.01 -7.96
N ALA F 67 -2.52 19.92 -8.62
CA ALA F 67 -1.43 19.53 -9.51
C ALA F 67 -0.15 19.18 -8.75
N SER F 68 0.04 19.71 -7.55
CA SER F 68 1.21 19.43 -6.72
C SER F 68 0.81 18.56 -5.54
N ARG F 69 1.48 17.42 -5.38
CA ARG F 69 1.26 16.52 -4.25
C ARG F 69 1.42 17.23 -2.90
N GLU F 70 2.18 18.32 -2.87
CA GLU F 70 2.47 19.03 -1.63
C GLU F 70 1.29 19.87 -1.16
N LEU F 71 0.59 20.52 -2.09
CA LEU F 71 -0.68 21.16 -1.75
C LEU F 71 -1.66 20.14 -1.18
N ALA F 72 -1.60 18.90 -1.70
CA ALA F 72 -2.45 17.84 -1.18
C ALA F 72 -1.98 17.40 0.20
N ASP F 73 -0.66 17.22 0.35
CA ASP F 73 -0.07 17.03 1.68
C ASP F 73 -0.41 18.20 2.60
N GLN F 74 -0.33 19.42 2.09
CA GLN F 74 -0.62 20.60 2.90
C GLN F 74 -2.04 20.55 3.47
N ILE F 75 -3.03 20.32 2.60
CA ILE F 75 -4.43 20.31 3.03
C ILE F 75 -4.70 19.11 3.93
N GLN F 76 -4.26 17.93 3.50
CA GLN F 76 -4.34 16.75 4.34
C GLN F 76 -3.78 17.05 5.73
N ASP F 77 -2.55 17.57 5.77
CA ASP F 77 -1.87 17.83 7.04
C ASP F 77 -2.70 18.71 7.96
N LYS F 78 -3.35 19.73 7.40
CA LYS F 78 -4.01 20.71 8.26
C LYS F 78 -5.40 20.27 8.70
N VAL F 79 -6.04 19.35 7.99
CA VAL F 79 -7.35 18.88 8.44
C VAL F 79 -7.22 17.70 9.40
N VAL F 80 -6.24 16.82 9.18
CA VAL F 80 -6.02 15.73 10.14
C VAL F 80 -5.62 16.30 11.49
N ALA F 81 -4.69 17.26 11.50
CA ALA F 81 -4.21 17.83 12.75
C ALA F 81 -5.35 18.42 13.57
N LYS F 82 -6.30 19.08 12.91
CA LYS F 82 -7.37 19.73 13.66
C LYS F 82 -8.47 18.74 14.05
N TYR F 83 -9.01 18.00 13.09
CA TYR F 83 -10.26 17.29 13.31
C TYR F 83 -10.12 15.77 13.41
N PHE F 84 -8.99 15.20 13.01
CA PHE F 84 -8.89 13.74 12.96
C PHE F 84 -9.00 13.10 14.33
N ASP F 85 -8.28 13.65 15.32
CA ASP F 85 -8.35 13.11 16.66
C ASP F 85 -9.74 13.29 17.26
N ASP F 86 -10.31 14.49 17.10
CA ASP F 86 -11.58 14.83 17.74
C ASP F 86 -12.74 13.96 17.25
N TYR F 87 -13.18 14.17 16.01
CA TYR F 87 -14.32 13.41 15.49
C TYR F 87 -14.01 12.71 14.16
N SER F 88 -15.02 12.11 13.54
CA SER F 88 -14.79 11.08 12.52
C SER F 88 -14.31 11.66 11.20
N CYS F 89 -13.17 11.17 10.72
CA CYS F 89 -12.50 11.73 9.57
C CYS F 89 -11.50 10.72 9.01
N ILE F 90 -11.56 10.49 7.69
CA ILE F 90 -10.58 9.71 6.95
C ILE F 90 -10.17 10.48 5.72
N THR F 91 -9.02 10.09 5.16
CA THR F 91 -8.46 10.81 4.03
C THR F 91 -7.53 9.89 3.25
N TYR F 92 -7.42 10.16 1.96
CA TYR F 92 -6.55 9.36 1.11
C TYR F 92 -6.33 10.10 -0.20
N ILE F 93 -5.22 9.78 -0.86
CA ILE F 93 -4.80 10.44 -2.09
C ILE F 93 -4.73 9.40 -3.21
N SER F 94 -5.20 9.80 -4.40
CA SER F 94 -5.04 9.03 -5.62
C SER F 94 -4.44 9.93 -6.67
N THR F 95 -4.16 9.39 -7.85
CA THR F 95 -3.61 10.18 -8.92
C THR F 95 -4.48 9.99 -10.17
N VAL F 96 -4.72 11.08 -10.91
CA VAL F 96 -5.59 11.06 -12.08
C VAL F 96 -4.95 11.88 -13.17
N GLU F 97 -5.33 11.57 -14.40
CA GLU F 97 -4.85 12.27 -15.58
C GLU F 97 -5.93 13.24 -16.04
N ALA F 98 -5.66 14.55 -15.90
CA ALA F 98 -6.56 15.60 -16.36
C ALA F 98 -6.16 16.05 -17.77
N LEU F 99 -6.78 17.12 -18.28
CA LEU F 99 -6.55 17.55 -19.66
C LEU F 99 -5.39 18.53 -19.80
P CMP G . 8.95 -5.46 -8.86
O1P CMP G . 7.55 -4.94 -8.70
O2P CMP G . 9.87 -4.98 -9.96
O5' CMP G . 8.90 -7.06 -9.03
C5' CMP G . 9.98 -7.89 -8.61
C4' CMP G . 10.59 -7.33 -7.34
O4' CMP G . 11.83 -7.96 -6.99
C3' CMP G . 10.96 -5.88 -7.43
O3' CMP G . 9.80 -5.08 -7.50
C2' CMP G . 11.86 -5.71 -6.21
O2' CMP G . 11.09 -5.67 -5.01
C1' CMP G . 12.63 -7.04 -6.25
N9 CMP G . 13.94 -6.91 -6.91
C8 CMP G . 14.19 -7.03 -8.24
N7 CMP G . 15.51 -6.84 -8.51
C5 CMP G . 16.14 -6.58 -7.34
C6 CMP G . 17.53 -6.27 -6.89
N6 CMP G . 18.60 -6.21 -7.74
N1 CMP G . 17.72 -6.08 -5.56
C2 CMP G . 16.71 -6.14 -4.68
N3 CMP G . 15.44 -6.39 -4.99
C4 CMP G . 15.09 -6.62 -6.29
P CMP H . 16.40 5.96 13.49
O1P CMP H . 15.11 6.62 13.11
O2P CMP H . 17.23 6.51 14.63
O5' CMP H . 17.38 6.12 12.22
C5' CMP H . 18.39 5.15 11.95
C4' CMP H . 17.80 3.79 12.12
O4' CMP H . 18.77 2.73 12.03
C3' CMP H . 17.20 3.58 13.49
O3' CMP H . 16.07 4.38 13.69
C2' CMP H . 17.02 2.08 13.51
O2' CMP H . 15.91 1.70 12.71
C1' CMP H . 18.29 1.63 12.78
N9 CMP H . 19.35 1.22 13.71
C8 CMP H . 20.24 2.02 14.34
N7 CMP H . 21.06 1.27 15.08
C5 CMP H . 20.71 -0.03 14.92
C6 CMP H . 21.18 -1.32 15.42
N6 CMP H . 22.23 -1.40 16.28
N1 CMP H . 20.54 -2.43 15.00
C2 CMP H . 19.50 -2.39 14.14
N3 CMP H . 19.02 -1.23 13.65
C4 CMP H . 19.59 -0.05 14.01
P CMP I . 2.95 -16.63 13.88
O1P CMP I . 1.85 -15.61 14.00
O2P CMP I . 2.61 -18.10 13.71
O5' CMP I . 3.92 -16.50 15.15
C5' CMP I . 5.29 -16.92 15.10
C4' CMP I . 5.88 -16.48 13.78
O4' CMP I . 7.19 -17.03 13.50
C3' CMP I . 5.09 -16.91 12.59
O3' CMP I . 3.83 -16.25 12.57
C2' CMP I . 6.05 -16.63 11.45
O2' CMP I . 6.11 -15.22 11.19
C1' CMP I . 7.37 -17.05 12.10
N9 CMP I . 7.82 -18.40 11.68
C8 CMP I . 7.53 -19.57 12.28
N7 CMP I . 8.12 -20.60 11.63
C5 CMP I . 8.81 -20.10 10.59
C6 CMP I . 9.65 -20.64 9.50
N6 CMP I . 9.89 -21.98 9.38
N1 CMP I . 10.18 -19.75 8.61
C2 CMP I . 9.95 -18.44 8.72
N3 CMP I . 9.19 -17.89 9.69
C4 CMP I . 8.60 -18.64 10.63
P CMP J . -18.42 7.27 9.82
O1P CMP J . -19.73 7.99 10.04
O2P CMP J . -18.05 6.15 10.77
O5' CMP J . -17.23 8.34 9.87
C5' CMP J . -16.02 8.14 9.13
C4' CMP J . -16.34 7.65 7.75
O4' CMP J . -15.18 7.23 6.98
C3' CMP J . -17.20 6.41 7.75
O3' CMP J . -18.47 6.66 8.29
C2' CMP J . -17.08 5.96 6.30
O2' CMP J . -17.86 6.79 5.43
C1' CMP J . -15.59 6.25 6.04
N9 CMP J . -14.76 5.05 6.23
C8 CMP J . -14.24 4.62 7.39
N7 CMP J . -13.52 3.48 7.22
C5 CMP J . -13.58 3.15 5.93
C6 CMP J . -13.03 2.06 5.08
N6 CMP J . -12.27 1.06 5.59
N1 CMP J . -13.33 2.09 3.77
C2 CMP J . -14.09 3.08 3.24
N3 CMP J . -14.61 4.10 3.95
C4 CMP J . -14.39 4.19 5.27
P CMP K . -28.12 0.20 -13.31
O1P CMP K . -29.41 0.67 -12.71
O2P CMP K . -28.11 -0.49 -14.65
O5' CMP K . -27.46 -0.87 -12.31
C5' CMP K . -26.06 -1.12 -12.28
C4' CMP K . -25.33 0.19 -12.38
O4' CMP K . -23.92 0.04 -12.64
C3' CMP K . -25.77 1.05 -13.53
O3' CMP K . -27.11 1.48 -13.38
C2' CMP K . -24.69 2.11 -13.55
O2' CMP K . -24.83 3.01 -12.46
C1' CMP K . -23.45 1.23 -13.28
N9 CMP K . -22.75 0.89 -14.51
C8 CMP K . -23.02 -0.14 -15.35
N7 CMP K . -22.17 -0.12 -16.39
C5 CMP K . -21.35 0.92 -16.22
C6 CMP K . -20.23 1.49 -16.97
N6 CMP K . -19.86 0.89 -18.12
N1 CMP K . -19.63 2.60 -16.48
C2 CMP K . -20.04 3.17 -15.33
N3 CMP K . -21.07 2.71 -14.60
C4 CMP K . -21.74 1.61 -14.99
P CMP L . -18.75 24.42 -10.06
O1P CMP L . -20.25 24.57 -9.91
O2P CMP L . -17.87 25.64 -9.83
O5' CMP L . -18.46 23.91 -11.55
C5' CMP L . -17.30 23.14 -11.87
C4' CMP L . -17.09 22.13 -10.78
O4' CMP L . -15.84 21.42 -10.90
C3' CMP L . -16.99 22.76 -9.42
O3' CMP L . -18.23 23.29 -9.01
C2' CMP L . -16.40 21.62 -8.58
O2' CMP L . -17.38 20.65 -8.24
C1' CMP L . -15.43 21.00 -9.60
N9 CMP L . -14.02 21.40 -9.39
C8 CMP L . -13.43 22.46 -9.96
N7 CMP L . -12.12 22.53 -9.58
C5 CMP L . -11.88 21.49 -8.75
C6 CMP L . -10.71 20.97 -7.99
N6 CMP L . -9.52 21.60 -8.05
N1 CMP L . -10.88 19.85 -7.25
C2 CMP L . -12.06 19.23 -7.20
N3 CMP L . -13.16 19.63 -7.87
C4 CMP L . -13.14 20.74 -8.64
#